data_5ELH
#
_entry.id   5ELH
#
_cell.length_a   43.194
_cell.length_b   56.559
_cell.length_c   131.025
_cell.angle_alpha   90.000
_cell.angle_beta   90.000
_cell.angle_gamma   90.000
#
_symmetry.space_group_name_H-M   'P 2 21 21'
#
loop_
_entity.id
_entity.type
_entity.pdbx_description
1 polymer 'RING finger protein unkempt homolog'
2 polymer "RNA (5'-R(*UP*UP*AP*UP*U)-3')"
3 non-polymer 'ZINC ION'
4 non-polymer 'SULFATE ION'
5 water water
#
loop_
_entity_poly.entity_id
_entity_poly.type
_entity_poly.pdbx_seq_one_letter_code
_entity_poly.pdbx_strand_id
1 'polypeptide(L)'
;SPQHYTYLKEFRTEQCPLFVQHKCTQHRPYTCFHWHFVNQRRRRSIRRRDGTFNYSPDVYCTKYDEATGLCPEGDECPFL
HRTTGDTERRYHLRYYKTGICIHETDSKGNCTKNGLHCAFAHGPHDLRSPVYDIRELQAMEALQN
;
A,B
2 'polyribonucleotide' UUAUU R
#
# COMPACT_ATOMS: atom_id res chain seq x y z
N PRO A 2 -6.21 10.34 -5.08
CA PRO A 2 -4.79 10.51 -4.75
C PRO A 2 -4.47 9.90 -3.38
N GLN A 3 -4.67 10.69 -2.32
CA GLN A 3 -4.63 10.17 -0.97
C GLN A 3 -5.87 9.31 -0.72
N HIS A 4 -6.84 9.41 -1.63
CA HIS A 4 -8.07 8.62 -1.55
C HIS A 4 -7.77 7.12 -1.63
N TYR A 5 -6.91 6.75 -2.57
CA TYR A 5 -6.62 5.33 -2.78
C TYR A 5 -5.93 4.70 -1.57
N THR A 6 -5.04 5.44 -0.94
CA THR A 6 -4.32 4.93 0.23
C THR A 6 -5.29 4.71 1.40
N TYR A 7 -6.24 5.63 1.61
CA TYR A 7 -7.27 5.44 2.63
C TYR A 7 -8.17 4.25 2.31
N LEU A 8 -8.66 4.19 1.08
CA LEU A 8 -9.55 3.10 0.67
C LEU A 8 -8.94 1.72 0.88
N LYS A 9 -7.68 1.59 0.47
CA LYS A 9 -7.01 0.29 0.50
C LYS A 9 -6.43 -0.05 1.87
N GLU A 10 -5.95 0.95 2.58
CA GLU A 10 -5.07 0.70 3.72
C GLU A 10 -5.60 1.12 5.09
N PHE A 11 -6.44 2.15 5.16
CA PHE A 11 -6.84 2.72 6.44
C PHE A 11 -7.39 1.67 7.42
N ARG A 12 -6.68 1.51 8.53
CA ARG A 12 -7.09 0.64 9.63
C ARG A 12 -7.28 -0.82 9.21
N THR A 13 -6.54 -1.23 8.18
CA THR A 13 -6.62 -2.60 7.68
C THR A 13 -5.55 -3.51 8.29
N GLU A 14 -4.47 -2.92 8.80
CA GLU A 14 -3.36 -3.69 9.34
C GLU A 14 -3.06 -3.26 10.78
N GLN A 15 -2.47 -4.17 11.55
CA GLN A 15 -2.16 -3.88 12.94
C GLN A 15 -0.96 -2.95 13.06
N CYS A 16 -1.04 -2.03 14.00
CA CYS A 16 0.07 -1.11 14.26
C CYS A 16 1.22 -1.84 14.96
N PRO A 17 2.39 -1.94 14.30
CA PRO A 17 3.54 -2.61 14.94
C PRO A 17 4.10 -1.84 16.14
N LEU A 18 3.83 -0.53 16.22
CA LEU A 18 4.31 0.27 17.34
C LEU A 18 3.43 0.07 18.57
N PHE A 19 2.12 -0.02 18.37
CA PHE A 19 1.18 -0.09 19.48
C PHE A 19 1.41 -1.33 20.34
N VAL A 20 1.71 -2.44 19.68
CA VAL A 20 1.92 -3.70 20.38
C VAL A 20 3.09 -3.59 21.34
N GLN A 21 3.93 -2.58 21.15
CA GLN A 21 5.10 -2.36 22.00
C GLN A 21 4.95 -1.15 22.91
N HIS A 22 3.74 -0.60 22.99
CA HIS A 22 3.49 0.63 23.73
C HIS A 22 4.44 1.73 23.24
N LYS A 23 4.69 1.75 21.94
CA LYS A 23 5.56 2.75 21.33
C LYS A 23 4.80 3.64 20.36
N CYS A 24 3.51 3.38 20.17
CA CYS A 24 2.70 4.24 19.32
C CYS A 24 2.29 5.51 20.07
N THR A 25 2.64 6.66 19.50
CA THR A 25 2.33 7.96 20.08
C THR A 25 1.00 8.49 19.60
N GLN A 26 0.31 7.71 18.77
CA GLN A 26 -0.94 8.13 18.15
C GLN A 26 -2.12 7.32 18.65
N HIS A 27 -2.11 7.01 19.95
CA HIS A 27 -3.22 6.35 20.62
C HIS A 27 -3.76 7.30 21.68
N ARG A 28 -5.00 7.74 21.54
CA ARG A 28 -5.61 8.70 22.48
C ARG A 28 -4.73 9.96 22.61
N PRO A 29 -4.93 10.95 21.72
CA PRO A 29 -5.92 10.96 20.64
C PRO A 29 -5.56 9.94 19.57
N TYR A 30 -6.46 8.99 19.35
CA TYR A 30 -6.21 7.89 18.43
C TYR A 30 -6.21 8.39 16.99
N THR A 31 -5.05 8.85 16.52
CA THR A 31 -4.91 9.35 15.15
C THR A 31 -4.16 8.37 14.27
N CYS A 32 -3.98 7.14 14.74
CA CYS A 32 -3.15 6.20 14.01
C CYS A 32 -3.85 5.71 12.77
N PHE A 33 -3.05 5.46 11.74
CA PHE A 33 -3.55 4.95 10.47
C PHE A 33 -3.85 3.44 10.55
N HIS A 34 -3.30 2.79 11.56
CA HIS A 34 -3.40 1.35 11.70
C HIS A 34 -4.30 0.98 12.86
N TRP A 35 -4.80 -0.24 12.92
CA TRP A 35 -5.64 -0.63 14.04
C TRP A 35 -4.80 -1.02 15.24
N HIS A 36 -5.33 -0.72 16.42
CA HIS A 36 -4.67 -1.05 17.68
C HIS A 36 -5.41 -2.22 18.34
N PHE A 37 -6.74 -2.18 18.33
CA PHE A 37 -7.54 -3.29 18.83
C PHE A 37 -8.29 -3.94 17.69
N VAL A 38 -8.53 -5.23 17.82
CA VAL A 38 -9.15 -5.98 16.73
C VAL A 38 -10.49 -5.37 16.32
N ASN A 39 -11.25 -4.83 17.27
CA ASN A 39 -12.53 -4.23 16.92
C ASN A 39 -12.40 -2.92 16.14
N GLN A 40 -11.18 -2.43 15.96
CA GLN A 40 -10.95 -1.24 15.12
C GLN A 40 -10.61 -1.60 13.68
N ARG A 41 -10.32 -2.87 13.43
CA ARG A 41 -9.88 -3.32 12.13
C ARG A 41 -11.02 -3.21 11.13
N ARG A 42 -10.75 -2.64 9.96
CA ARG A 42 -11.70 -2.73 8.86
C ARG A 42 -11.16 -3.61 7.73
N ARG A 43 -12.06 -4.34 7.09
CA ARG A 43 -11.76 -5.03 5.84
C ARG A 43 -11.87 -4.04 4.69
N ARG A 44 -10.89 -4.08 3.79
CA ARG A 44 -10.93 -3.31 2.55
C ARG A 44 -12.18 -3.72 1.77
N SER A 45 -12.96 -2.74 1.31
CA SER A 45 -14.09 -3.06 0.42
C SER A 45 -13.53 -3.27 -0.98
N ILE A 46 -14.21 -4.12 -1.76
CA ILE A 46 -13.69 -4.61 -3.03
C ILE A 46 -14.85 -4.78 -4.00
N ARG A 47 -14.72 -4.23 -5.20
CA ARG A 47 -15.69 -4.51 -6.27
C ARG A 47 -15.20 -5.72 -7.03
N ARG A 48 -15.95 -6.81 -6.94
CA ARG A 48 -15.67 -8.01 -7.70
C ARG A 48 -15.82 -7.77 -9.21
N ARG A 49 -15.22 -8.64 -10.02
CA ARG A 49 -15.30 -8.57 -11.47
C ARG A 49 -16.75 -8.56 -11.96
N ASP A 50 -17.64 -9.27 -11.26
CA ASP A 50 -19.05 -9.33 -11.66
C ASP A 50 -19.84 -8.07 -11.30
N GLY A 51 -19.19 -7.11 -10.64
CA GLY A 51 -19.84 -5.85 -10.33
C GLY A 51 -20.41 -5.76 -8.92
N THR A 52 -20.37 -6.86 -8.16
CA THR A 52 -20.89 -6.86 -6.80
C THR A 52 -19.75 -6.57 -5.83
N PHE A 53 -20.07 -5.98 -4.68
CA PHE A 53 -19.07 -5.71 -3.65
C PHE A 53 -18.83 -6.97 -2.82
N ASN A 54 -17.63 -7.09 -2.22
CA ASN A 54 -17.37 -8.22 -1.34
C ASN A 54 -18.30 -8.19 -0.14
N TYR A 55 -18.56 -7.01 0.39
CA TYR A 55 -19.59 -6.83 1.41
C TYR A 55 -20.37 -5.54 1.23
N SER A 56 -21.61 -5.57 1.70
CA SER A 56 -22.55 -4.46 1.53
C SER A 56 -22.12 -3.21 2.28
N PRO A 57 -22.36 -2.03 1.66
CA PRO A 57 -22.14 -0.78 2.40
C PRO A 57 -23.37 -0.34 3.19
N ASP A 58 -24.41 -1.16 3.23
CA ASP A 58 -25.67 -0.72 3.82
C ASP A 58 -26.28 -1.72 4.81
N VAL A 59 -26.23 -3.02 4.51
CA VAL A 59 -26.87 -3.99 5.40
C VAL A 59 -25.86 -4.60 6.39
N TYR A 60 -26.09 -4.33 7.66
CA TYR A 60 -25.16 -4.69 8.73
C TYR A 60 -25.27 -6.18 9.11
N CYS A 61 -24.11 -6.80 9.28
CA CYS A 61 -23.99 -8.16 9.81
C CYS A 61 -24.54 -8.22 11.23
N THR A 62 -25.42 -9.19 11.51
CA THR A 62 -25.90 -9.38 12.88
C THR A 62 -25.04 -10.35 13.70
N LYS A 63 -24.12 -11.06 13.06
CA LYS A 63 -23.24 -12.01 13.76
C LYS A 63 -21.96 -11.38 14.30
N TYR A 64 -21.57 -10.23 13.74
CA TYR A 64 -20.34 -9.56 14.11
C TYR A 64 -20.37 -9.14 15.59
N ASP A 65 -19.42 -9.63 16.37
CA ASP A 65 -19.30 -9.26 17.77
C ASP A 65 -18.49 -7.98 17.89
N GLU A 66 -19.15 -6.90 18.23
CA GLU A 66 -18.51 -5.58 18.23
C GLU A 66 -17.47 -5.43 19.35
N ALA A 67 -17.59 -6.24 20.40
CA ALA A 67 -16.67 -6.17 21.52
C ALA A 67 -15.31 -6.79 21.18
N THR A 68 -15.35 -7.87 20.40
CA THR A 68 -14.15 -8.65 20.10
C THR A 68 -13.66 -8.43 18.67
N GLY A 69 -14.53 -7.92 17.81
CA GLY A 69 -14.20 -7.69 16.43
C GLY A 69 -14.21 -8.95 15.58
N LEU A 70 -14.87 -10.00 16.07
CA LEU A 70 -14.91 -11.29 15.36
C LEU A 70 -16.26 -11.57 14.71
N CYS A 71 -16.23 -11.95 13.43
CA CYS A 71 -17.40 -12.48 12.72
C CYS A 71 -17.03 -13.87 12.23
N PRO A 72 -17.89 -14.87 12.48
CA PRO A 72 -17.55 -16.23 12.04
C PRO A 72 -17.17 -16.34 10.56
N GLU A 73 -17.66 -15.46 9.69
CA GLU A 73 -17.34 -15.55 8.26
C GLU A 73 -16.10 -14.75 7.85
N GLY A 74 -15.60 -13.93 8.77
CA GLY A 74 -14.39 -13.16 8.53
C GLY A 74 -14.46 -12.31 7.28
N ASP A 75 -13.38 -12.31 6.49
CA ASP A 75 -13.29 -11.49 5.30
C ASP A 75 -14.33 -11.87 4.24
N GLU A 76 -14.92 -13.06 4.35
CA GLU A 76 -15.86 -13.53 3.36
C GLU A 76 -17.32 -13.23 3.69
N CYS A 77 -17.56 -12.56 4.80
CA CYS A 77 -18.91 -12.16 5.18
C CYS A 77 -19.40 -11.09 4.21
N PRO A 78 -20.58 -11.30 3.60
CA PRO A 78 -21.07 -10.33 2.62
C PRO A 78 -21.78 -9.13 3.23
N PHE A 79 -21.79 -9.04 4.55
CA PHE A 79 -22.47 -7.96 5.25
C PHE A 79 -21.49 -7.02 5.95
N LEU A 80 -22.01 -5.86 6.30
CA LEU A 80 -21.22 -4.78 6.86
C LEU A 80 -21.00 -4.97 8.36
N HIS A 81 -19.78 -4.73 8.82
CA HIS A 81 -19.45 -4.84 10.24
C HIS A 81 -19.36 -3.47 10.86
N ARG A 82 -20.01 -3.33 12.01
CA ARG A 82 -20.00 -2.08 12.75
C ARG A 82 -18.72 -2.02 13.59
N THR A 83 -17.61 -1.79 12.92
CA THR A 83 -16.33 -1.63 13.57
C THR A 83 -16.35 -0.34 14.37
N THR A 84 -15.36 -0.15 15.25
CA THR A 84 -15.29 1.08 16.01
C THR A 84 -15.19 2.26 15.05
N GLY A 85 -16.06 3.24 15.24
CA GLY A 85 -16.07 4.43 14.41
C GLY A 85 -16.79 4.21 13.09
N ASP A 86 -17.39 3.03 12.92
CA ASP A 86 -18.17 2.70 11.73
C ASP A 86 -17.31 2.81 10.50
N THR A 87 -16.06 2.36 10.63
CA THR A 87 -15.07 2.59 9.58
C THR A 87 -15.23 1.72 8.33
N GLU A 88 -15.92 0.58 8.41
CA GLU A 88 -16.10 -0.19 7.19
C GLU A 88 -17.03 0.55 6.23
N ARG A 89 -18.06 1.20 6.77
CA ARG A 89 -19.00 1.95 5.94
C ARG A 89 -18.36 3.26 5.44
N ARG A 90 -17.71 3.96 6.36
CA ARG A 90 -17.19 5.29 6.06
C ARG A 90 -16.05 5.28 5.04
N TYR A 91 -15.30 4.18 4.98
CA TYR A 91 -14.18 4.07 4.06
C TYR A 91 -14.47 3.08 2.93
N HIS A 92 -15.76 2.80 2.76
CA HIS A 92 -16.23 1.94 1.68
C HIS A 92 -16.15 2.66 0.34
N LEU A 93 -15.88 1.90 -0.72
CA LEU A 93 -15.84 2.42 -2.09
C LEU A 93 -17.11 3.18 -2.47
N ARG A 94 -18.23 2.76 -1.89
CA ARG A 94 -19.54 3.35 -2.16
C ARG A 94 -19.68 4.76 -1.60
N TYR A 95 -19.06 5.01 -0.46
CA TYR A 95 -19.36 6.21 0.32
C TYR A 95 -18.19 7.14 0.63
N TYR A 96 -16.96 6.63 0.69
CA TYR A 96 -15.82 7.46 1.09
C TYR A 96 -15.70 8.73 0.24
N LYS A 97 -15.68 9.87 0.93
CA LYS A 97 -15.54 11.20 0.32
C LYS A 97 -16.54 11.50 -0.79
N THR A 98 -17.75 10.95 -0.70
CA THR A 98 -18.78 11.18 -1.72
C THR A 98 -19.73 12.33 -1.38
N GLY A 99 -19.64 12.81 -0.14
CA GLY A 99 -20.46 13.92 0.30
C GLY A 99 -19.62 14.94 1.08
N ILE A 100 -20.16 16.13 1.29
CA ILE A 100 -19.46 17.20 1.98
C ILE A 100 -19.65 17.11 3.50
N CYS A 101 -18.55 17.16 4.25
CA CYS A 101 -18.63 17.15 5.71
C CYS A 101 -19.39 18.37 6.17
N ILE A 102 -20.19 18.23 7.22
CA ILE A 102 -20.90 19.40 7.75
C ILE A 102 -19.98 20.26 8.63
N HIS A 103 -18.95 19.63 9.20
CA HIS A 103 -17.98 20.32 10.05
C HIS A 103 -17.04 21.20 9.22
N GLU A 104 -16.41 22.19 9.86
CA GLU A 104 -15.50 23.10 9.17
C GLU A 104 -14.07 22.57 9.16
N THR A 105 -13.25 23.16 8.31
CA THR A 105 -11.83 22.81 8.21
C THR A 105 -10.99 23.81 9.01
N ASP A 106 -9.89 23.35 9.59
CA ASP A 106 -8.97 24.25 10.29
C ASP A 106 -7.92 24.82 9.32
N SER A 107 -6.95 25.55 9.87
CA SER A 107 -5.99 26.29 9.07
C SER A 107 -4.86 25.43 8.50
N LYS A 108 -4.92 24.13 8.76
CA LYS A 108 -4.00 23.16 8.15
C LYS A 108 -4.68 22.43 6.99
N GLY A 109 -6.00 22.52 6.93
CA GLY A 109 -6.78 21.83 5.91
C GLY A 109 -7.38 20.53 6.42
N ASN A 110 -7.57 20.43 7.73
CA ASN A 110 -8.11 19.22 8.34
C ASN A 110 -9.41 19.46 9.12
N CYS A 111 -10.30 18.47 9.07
CA CYS A 111 -11.58 18.52 9.77
C CYS A 111 -11.40 18.79 11.26
N THR A 112 -12.26 19.62 11.82
CA THR A 112 -12.14 20.02 13.23
C THR A 112 -12.66 18.97 14.22
N LYS A 113 -13.41 17.98 13.73
CA LYS A 113 -14.00 16.97 14.59
C LYS A 113 -13.36 15.60 14.40
N ASN A 114 -12.93 15.33 13.16
CA ASN A 114 -12.35 14.03 12.83
C ASN A 114 -10.91 14.11 12.38
N GLY A 115 -10.37 15.32 12.31
CA GLY A 115 -8.98 15.50 11.93
C GLY A 115 -8.72 15.13 10.48
N LEU A 116 -7.49 14.72 10.20
CA LEU A 116 -7.08 14.43 8.82
C LEU A 116 -7.72 13.17 8.26
N HIS A 117 -8.23 12.31 9.12
CA HIS A 117 -8.78 11.04 8.68
C HIS A 117 -10.25 11.12 8.26
N CYS A 118 -10.85 12.30 8.38
CA CYS A 118 -12.28 12.46 8.12
C CYS A 118 -12.69 11.81 6.80
N ALA A 119 -13.82 11.11 6.83
CA ALA A 119 -14.28 10.32 5.69
C ALA A 119 -15.21 11.11 4.76
N PHE A 120 -15.50 12.35 5.12
CA PHE A 120 -16.28 13.22 4.24
C PHE A 120 -15.34 14.18 3.54
N ALA A 121 -15.80 14.74 2.42
CA ALA A 121 -14.99 15.69 1.66
C ALA A 121 -15.08 17.09 2.24
N HIS A 122 -13.93 17.74 2.36
CA HIS A 122 -13.88 19.14 2.74
C HIS A 122 -13.47 19.92 1.51
N GLY A 123 -14.48 20.47 0.84
CA GLY A 123 -14.30 21.16 -0.43
C GLY A 123 -14.70 20.26 -1.59
N PRO A 124 -15.33 20.83 -2.64
CA PRO A 124 -15.69 20.03 -3.81
C PRO A 124 -14.49 19.39 -4.52
N HIS A 125 -13.30 19.94 -4.32
CA HIS A 125 -12.08 19.38 -4.90
C HIS A 125 -11.74 18.04 -4.28
N ASP A 126 -12.29 17.79 -3.10
CA ASP A 126 -11.95 16.60 -2.32
C ASP A 126 -12.98 15.51 -2.53
N LEU A 127 -13.99 15.76 -3.37
CA LEU A 127 -15.04 14.77 -3.61
C LEU A 127 -14.57 13.70 -4.59
N ARG A 128 -15.09 12.49 -4.41
CA ARG A 128 -14.98 11.46 -5.43
C ARG A 128 -16.37 10.97 -5.76
N SER A 129 -16.52 10.38 -6.94
CA SER A 129 -17.79 9.79 -7.33
C SER A 129 -17.89 8.46 -6.61
N PRO A 130 -19.10 8.10 -6.20
CA PRO A 130 -19.24 6.76 -5.62
C PRO A 130 -18.89 5.65 -6.61
N VAL A 131 -18.56 4.48 -6.07
CA VAL A 131 -18.55 3.23 -6.84
C VAL A 131 -19.81 2.50 -6.41
N TYR A 132 -20.60 2.04 -7.37
CA TYR A 132 -21.87 1.40 -7.06
C TYR A 132 -21.82 -0.09 -7.37
N ASP A 133 -22.47 -0.88 -6.52
CA ASP A 133 -22.75 -2.29 -6.80
C ASP A 133 -23.68 -2.38 -8.02
N ILE A 134 -23.39 -3.30 -8.93
CA ILE A 134 -24.19 -3.46 -10.15
C ILE A 134 -25.69 -3.56 -9.80
N ARG A 135 -26.01 -4.15 -8.66
CA ARG A 135 -27.41 -4.20 -8.22
C ARG A 135 -27.99 -2.82 -8.00
N GLU A 136 -27.24 -1.94 -7.32
CA GLU A 136 -27.77 -0.61 -7.05
C GLU A 136 -27.92 0.18 -8.36
N LEU A 137 -26.98 -0.03 -9.28
CA LEU A 137 -27.09 0.60 -10.60
C LEU A 137 -28.39 0.20 -11.30
N GLN A 138 -28.81 -1.06 -11.13
CA GLN A 138 -30.05 -1.53 -11.76
C GLN A 138 -31.26 -0.86 -11.14
N ALA A 139 -31.31 -0.83 -9.82
CA ALA A 139 -32.45 -0.28 -9.13
C ALA A 139 -32.54 1.23 -9.33
N MET A 140 -31.38 1.89 -9.37
CA MET A 140 -31.32 3.34 -9.56
C MET A 140 -31.83 3.76 -10.92
N GLU A 141 -31.42 3.02 -11.96
CA GLU A 141 -31.80 3.36 -13.33
C GLU A 141 -33.32 3.30 -13.52
N ALA A 142 -33.92 2.24 -12.99
CA ALA A 142 -35.37 2.13 -12.98
C ALA A 142 -35.97 3.32 -12.23
N LEU A 143 -35.19 3.93 -11.34
CA LEU A 143 -35.61 5.07 -10.52
C LEU A 143 -36.76 4.68 -9.59
N PRO B 2 2.12 9.81 -6.36
CA PRO B 2 3.10 9.32 -5.38
C PRO B 2 3.44 7.84 -5.56
N GLN B 3 3.90 7.50 -6.76
CA GLN B 3 4.26 6.12 -7.08
C GLN B 3 5.63 5.72 -6.50
N HIS B 4 6.52 6.69 -6.26
CA HIS B 4 7.85 6.35 -5.75
C HIS B 4 7.74 5.63 -4.40
N TYR B 5 6.92 6.15 -3.52
CA TYR B 5 6.77 5.58 -2.19
C TYR B 5 6.28 4.13 -2.27
N THR B 6 5.29 3.87 -3.12
CA THR B 6 4.72 2.52 -3.20
C THR B 6 5.70 1.52 -3.80
N TYR B 7 6.51 1.96 -4.77
CA TYR B 7 7.52 1.07 -5.33
C TYR B 7 8.63 0.79 -4.31
N LEU B 8 9.12 1.84 -3.65
CA LEU B 8 10.19 1.65 -2.67
C LEU B 8 9.76 0.73 -1.54
N LYS B 9 8.54 0.90 -1.06
CA LYS B 9 8.04 0.18 0.08
C LYS B 9 7.57 -1.23 -0.27
N GLU B 10 6.96 -1.41 -1.44
CA GLU B 10 6.18 -2.61 -1.69
C GLU B 10 6.59 -3.46 -2.91
N PHE B 11 7.38 -2.90 -3.83
CA PHE B 11 7.69 -3.62 -5.06
C PHE B 11 8.34 -4.99 -4.81
N ARG B 12 7.65 -6.02 -5.27
CA ARG B 12 8.12 -7.40 -5.16
C ARG B 12 8.39 -7.86 -3.73
N THR B 13 7.71 -7.26 -2.76
CA THR B 13 7.94 -7.63 -1.35
C THR B 13 6.97 -8.68 -0.83
N GLU B 14 5.82 -8.84 -1.51
CA GLU B 14 4.80 -9.80 -1.07
C GLU B 14 4.38 -10.68 -2.25
N GLN B 15 3.83 -11.86 -1.95
CA GLN B 15 3.48 -12.80 -3.01
C GLN B 15 2.20 -12.40 -3.73
N CYS B 16 2.14 -12.66 -5.03
CA CYS B 16 0.95 -12.38 -5.83
C CYS B 16 -0.18 -13.34 -5.46
N PRO B 17 -1.34 -12.80 -5.02
CA PRO B 17 -2.47 -13.67 -4.71
C PRO B 17 -3.14 -14.28 -5.95
N LEU B 18 -3.03 -13.59 -7.08
CA LEU B 18 -3.61 -14.12 -8.30
C LEU B 18 -2.80 -15.33 -8.77
N PHE B 19 -1.49 -15.25 -8.63
CA PHE B 19 -0.61 -16.33 -9.08
C PHE B 19 -0.92 -17.66 -8.37
N VAL B 20 -1.17 -17.60 -7.08
CA VAL B 20 -1.45 -18.82 -6.34
C VAL B 20 -2.80 -19.40 -6.76
N GLN B 21 -3.65 -18.58 -7.36
CA GLN B 21 -4.93 -19.05 -7.88
C GLN B 21 -4.87 -19.36 -9.37
N HIS B 22 -3.66 -19.35 -9.95
CA HIS B 22 -3.44 -19.63 -11.36
C HIS B 22 -4.12 -18.59 -12.27
N LYS B 23 -4.25 -17.37 -11.77
CA LYS B 23 -5.00 -16.32 -12.47
C LYS B 23 -4.18 -15.07 -12.78
N CYS B 24 -2.90 -15.05 -12.40
CA CYS B 24 -2.07 -13.91 -12.75
C CYS B 24 -1.65 -13.98 -14.22
N THR B 25 -1.99 -12.93 -14.98
CA THR B 25 -1.69 -12.86 -16.39
C THR B 25 -0.26 -12.35 -16.67
N GLN B 26 0.50 -12.10 -15.61
CA GLN B 26 1.81 -11.47 -15.74
C GLN B 26 2.96 -12.37 -15.30
N HIS B 27 2.76 -13.68 -15.39
CA HIS B 27 3.82 -14.62 -15.04
C HIS B 27 4.84 -14.82 -16.16
N ARG B 28 4.39 -14.91 -17.41
CA ARG B 28 5.29 -15.14 -18.54
C ARG B 28 4.92 -14.32 -19.77
N PRO B 29 5.75 -13.32 -20.13
CA PRO B 29 6.96 -12.91 -19.41
C PRO B 29 6.60 -12.37 -18.03
N TYR B 30 7.57 -12.37 -17.12
CA TYR B 30 7.33 -11.98 -15.76
C TYR B 30 7.38 -10.46 -15.60
N THR B 31 6.24 -9.86 -15.26
CA THR B 31 6.11 -8.42 -15.17
C THR B 31 5.28 -7.98 -13.95
N CYS B 32 4.97 -8.93 -13.07
CA CYS B 32 4.07 -8.63 -11.96
C CYS B 32 4.74 -7.68 -10.96
N PHE B 33 3.90 -6.94 -10.23
CA PHE B 33 4.37 -6.08 -9.16
C PHE B 33 4.81 -6.91 -7.97
N HIS B 34 4.21 -8.09 -7.85
CA HIS B 34 4.41 -8.95 -6.69
C HIS B 34 5.27 -10.14 -7.04
N TRP B 35 5.84 -10.81 -6.03
CA TRP B 35 6.63 -12.00 -6.33
C TRP B 35 5.71 -13.21 -6.54
N HIS B 36 6.16 -14.11 -7.41
CA HIS B 36 5.44 -15.36 -7.65
C HIS B 36 6.19 -16.51 -6.97
N PHE B 37 7.51 -16.56 -7.17
CA PHE B 37 8.39 -17.44 -6.39
C PHE B 37 9.31 -16.66 -5.45
N VAL B 38 9.77 -17.33 -4.40
CA VAL B 38 10.64 -16.69 -3.43
C VAL B 38 11.92 -16.19 -4.10
N ASN B 39 12.35 -16.84 -5.18
CA ASN B 39 13.55 -16.38 -5.87
C ASN B 39 13.33 -15.06 -6.64
N GLN B 40 12.11 -14.51 -6.57
CA GLN B 40 11.79 -13.19 -7.14
C GLN B 40 11.50 -12.15 -6.04
N ARG B 41 11.60 -12.58 -4.79
CA ARG B 41 11.27 -11.74 -3.65
C ARG B 41 12.34 -10.67 -3.39
N ARG B 42 11.87 -9.45 -3.11
CA ARG B 42 12.74 -8.35 -2.73
C ARG B 42 12.50 -7.93 -1.28
N ARG B 43 13.59 -7.67 -0.56
CA ARG B 43 13.49 -7.04 0.74
C ARG B 43 13.34 -5.54 0.58
N ARG B 44 12.37 -4.96 1.27
CA ARG B 44 12.25 -3.51 1.31
C ARG B 44 13.57 -2.94 1.80
N SER B 45 14.07 -1.95 1.07
CA SER B 45 15.26 -1.26 1.50
C SER B 45 14.89 -0.14 2.50
N ILE B 46 15.65 -0.05 3.57
CA ILE B 46 15.34 0.80 4.72
C ILE B 46 16.58 1.55 5.20
N ARG B 47 16.43 2.83 5.55
CA ARG B 47 17.48 3.54 6.27
C ARG B 47 17.15 3.60 7.75
N ARG B 48 17.95 2.90 8.55
CA ARG B 48 17.69 2.79 9.97
C ARG B 48 18.01 4.11 10.70
N ARG B 49 17.53 4.24 11.92
CA ARG B 49 17.71 5.47 12.70
C ARG B 49 19.18 5.79 12.94
N ASP B 50 20.03 4.78 12.96
CA ASP B 50 21.47 5.03 13.15
C ASP B 50 22.11 5.55 11.87
N GLY B 51 21.35 5.63 10.79
CA GLY B 51 21.83 6.18 9.54
C GLY B 51 22.36 5.17 8.55
N THR B 52 22.33 3.89 8.92
CA THR B 52 22.83 2.83 8.05
C THR B 52 21.67 2.15 7.34
N PHE B 53 21.93 1.62 6.14
CA PHE B 53 20.96 0.82 5.43
C PHE B 53 20.87 -0.57 6.02
N ASN B 54 19.70 -1.20 5.90
CA ASN B 54 19.53 -2.56 6.38
C ASN B 54 20.38 -3.50 5.53
N TYR B 55 20.58 -3.15 4.27
CA TYR B 55 21.56 -3.85 3.46
C TYR B 55 22.19 -2.96 2.40
N SER B 56 23.36 -3.35 1.94
CA SER B 56 24.18 -2.52 1.06
C SER B 56 23.55 -2.32 -0.32
N PRO B 57 23.74 -1.13 -0.92
CA PRO B 57 23.25 -0.92 -2.28
C PRO B 57 24.26 -1.32 -3.35
N ASP B 58 25.46 -1.74 -2.94
CA ASP B 58 26.56 -1.97 -3.88
C ASP B 58 27.26 -3.34 -3.77
N VAL B 59 27.43 -3.86 -2.56
CA VAL B 59 28.17 -5.10 -2.40
C VAL B 59 27.25 -6.33 -2.33
N TYR B 60 27.45 -7.22 -3.28
CA TYR B 60 26.62 -8.41 -3.37
C TYR B 60 27.04 -9.51 -2.41
N CYS B 61 26.04 -10.07 -1.74
CA CYS B 61 26.18 -11.28 -0.93
C CYS B 61 26.67 -12.45 -1.79
N THR B 62 27.64 -13.21 -1.26
CA THR B 62 28.21 -14.35 -1.98
C THR B 62 27.57 -15.69 -1.57
N LYS B 63 26.69 -15.66 -0.57
CA LYS B 63 26.05 -16.88 -0.05
C LYS B 63 24.61 -17.03 -0.55
N TYR B 64 24.03 -15.96 -1.06
CA TYR B 64 22.64 -15.98 -1.53
C TYR B 64 22.46 -16.97 -2.67
N ASP B 65 21.48 -17.84 -2.54
CA ASP B 65 21.17 -18.85 -3.54
C ASP B 65 20.11 -18.29 -4.48
N GLU B 66 20.54 -17.84 -5.66
CA GLU B 66 19.64 -17.17 -6.60
C GLU B 66 18.49 -18.07 -7.07
N ALA B 67 18.68 -19.39 -6.99
CA ALA B 67 17.66 -20.33 -7.44
C ALA B 67 16.52 -20.50 -6.44
N THR B 68 16.83 -20.39 -5.15
CA THR B 68 15.83 -20.65 -4.11
C THR B 68 15.40 -19.39 -3.39
N GLY B 69 16.20 -18.34 -3.53
CA GLY B 69 15.93 -17.09 -2.84
C GLY B 69 16.34 -17.14 -1.39
N LEU B 70 17.18 -18.11 -1.03
CA LEU B 70 17.62 -18.29 0.36
C LEU B 70 19.04 -17.79 0.62
N CYS B 71 19.20 -17.01 1.69
CA CYS B 71 20.51 -16.68 2.23
C CYS B 71 20.60 -17.24 3.64
N PRO B 72 21.74 -17.86 3.99
CA PRO B 72 22.01 -18.34 5.35
C PRO B 72 21.72 -17.30 6.43
N GLU B 73 22.02 -16.03 6.16
CA GLU B 73 21.80 -14.97 7.13
C GLU B 73 20.38 -14.40 7.04
N GLY B 74 19.57 -14.96 6.14
CA GLY B 74 18.20 -14.51 5.95
C GLY B 74 18.09 -13.04 5.57
N ASP B 75 16.98 -12.42 5.92
CA ASP B 75 16.74 -11.01 5.59
C ASP B 75 17.69 -10.07 6.34
N GLU B 76 18.22 -10.52 7.48
CA GLU B 76 19.15 -9.70 8.26
C GLU B 76 20.53 -9.61 7.60
N CYS B 77 20.74 -10.31 6.49
CA CYS B 77 22.00 -10.20 5.75
C CYS B 77 22.24 -8.74 5.36
N PRO B 78 23.45 -8.22 5.64
CA PRO B 78 23.73 -6.80 5.35
C PRO B 78 24.18 -6.54 3.90
N PHE B 79 24.24 -7.59 3.09
CA PHE B 79 24.66 -7.48 1.70
C PHE B 79 23.49 -7.60 0.74
N LEU B 80 23.74 -7.18 -0.49
CA LEU B 80 22.75 -7.16 -1.55
C LEU B 80 22.51 -8.53 -2.14
N HIS B 81 21.24 -8.88 -2.35
CA HIS B 81 20.89 -10.16 -2.97
C HIS B 81 20.48 -9.93 -4.40
N ARG B 82 21.07 -10.70 -5.31
CA ARG B 82 20.77 -10.60 -6.72
C ARG B 82 19.57 -11.48 -7.01
N THR B 83 18.41 -10.94 -6.65
CA THR B 83 17.16 -11.60 -6.90
C THR B 83 16.80 -11.45 -8.39
N THR B 84 15.70 -12.05 -8.81
CA THR B 84 15.29 -11.95 -10.21
C THR B 84 15.08 -10.49 -10.61
N GLY B 85 15.74 -10.08 -11.67
CA GLY B 85 15.64 -8.71 -12.16
C GLY B 85 16.43 -7.72 -11.33
N ASP B 86 17.31 -8.22 -10.46
CA ASP B 86 18.21 -7.37 -9.67
C ASP B 86 17.44 -6.26 -8.96
N THR B 87 16.25 -6.58 -8.49
CA THR B 87 15.34 -5.57 -7.98
C THR B 87 15.73 -5.02 -6.59
N GLU B 88 16.54 -5.74 -5.83
CA GLU B 88 17.00 -5.16 -4.56
C GLU B 88 17.87 -3.92 -4.85
N ARG B 89 18.66 -3.96 -5.92
CA ARG B 89 19.51 -2.82 -6.26
C ARG B 89 18.72 -1.73 -6.97
N ARG B 90 17.91 -2.13 -7.95
CA ARG B 90 17.20 -1.16 -8.79
C ARG B 90 16.18 -0.34 -8.01
N TYR B 91 15.64 -0.92 -6.95
CA TYR B 91 14.59 -0.29 -6.15
C TYR B 91 15.10 0.10 -4.72
N HIS B 92 16.41 0.14 -4.56
CA HIS B 92 17.05 0.56 -3.32
C HIS B 92 16.89 2.07 -3.15
N LEU B 93 16.69 2.51 -1.92
CA LEU B 93 16.68 3.93 -1.58
C LEU B 93 17.85 4.72 -2.16
N ARG B 94 18.99 4.05 -2.35
CA ARG B 94 20.20 4.70 -2.83
C ARG B 94 20.16 5.00 -4.34
N TYR B 95 19.45 4.16 -5.09
CA TYR B 95 19.50 4.23 -6.56
C TYR B 95 18.16 4.45 -7.29
N TYR B 96 17.05 4.03 -6.70
CA TYR B 96 15.75 4.10 -7.39
C TYR B 96 15.46 5.49 -7.96
N LYS B 97 15.28 5.56 -9.27
CA LYS B 97 14.88 6.79 -9.96
C LYS B 97 15.87 7.95 -9.78
N THR B 98 17.16 7.65 -9.60
CA THR B 98 18.16 8.70 -9.36
C THR B 98 18.94 9.09 -10.62
N GLY B 99 18.86 8.24 -11.65
CA GLY B 99 19.40 8.54 -12.96
C GLY B 99 18.31 8.68 -14.03
N ILE B 100 18.66 9.28 -15.16
CA ILE B 100 17.74 9.41 -16.28
C ILE B 100 17.74 8.15 -17.14
N CYS B 101 16.57 7.65 -17.50
CA CYS B 101 16.51 6.53 -18.43
C CYS B 101 16.92 6.94 -19.84
N ILE B 102 17.76 6.11 -20.45
CA ILE B 102 18.21 6.40 -21.80
C ILE B 102 17.10 6.12 -22.81
N HIS B 103 16.10 5.34 -22.42
CA HIS B 103 15.03 4.97 -23.34
C HIS B 103 13.95 6.06 -23.42
N GLU B 104 13.25 6.12 -24.55
CA GLU B 104 12.16 7.06 -24.73
C GLU B 104 11.00 6.80 -23.75
N THR B 105 10.20 7.84 -23.56
CA THR B 105 9.02 7.82 -22.71
C THR B 105 7.79 7.77 -23.60
N ASP B 106 6.77 7.03 -23.20
CA ASP B 106 5.55 6.94 -24.02
C ASP B 106 4.54 8.02 -23.62
N SER B 107 3.33 7.97 -24.17
CA SER B 107 2.36 9.03 -23.97
C SER B 107 1.74 9.05 -22.58
N LYS B 108 1.83 7.94 -21.86
CA LYS B 108 1.36 7.90 -20.47
C LYS B 108 2.47 8.22 -19.49
N GLY B 109 3.66 8.51 -20.02
CA GLY B 109 4.81 8.84 -19.20
C GLY B 109 5.65 7.65 -18.74
N ASN B 110 5.39 6.47 -19.31
CA ASN B 110 6.12 5.26 -18.94
C ASN B 110 7.23 4.91 -19.93
N CYS B 111 8.10 3.99 -19.53
CA CYS B 111 9.24 3.60 -20.36
C CYS B 111 8.80 2.78 -21.56
N THR B 112 9.40 3.05 -22.71
CA THR B 112 9.08 2.31 -23.93
C THR B 112 9.77 0.95 -24.00
N LYS B 113 10.79 0.71 -23.16
CA LYS B 113 11.58 -0.52 -23.25
C LYS B 113 11.55 -1.39 -22.01
N ASN B 114 11.63 -0.78 -20.82
CA ASN B 114 11.74 -1.55 -19.58
C ASN B 114 10.41 -1.84 -18.90
N GLY B 115 9.31 -1.43 -19.54
CA GLY B 115 8.00 -1.71 -19.01
C GLY B 115 7.57 -0.73 -17.93
N LEU B 116 6.46 -1.07 -17.26
CA LEU B 116 5.80 -0.13 -16.38
C LEU B 116 6.59 0.12 -15.10
N HIS B 117 7.53 -0.78 -14.80
CA HIS B 117 8.28 -0.72 -13.55
C HIS B 117 9.71 -0.15 -13.71
N CYS B 118 10.01 0.50 -14.81
CA CYS B 118 11.35 1.05 -15.02
C CYS B 118 11.82 1.82 -13.79
N ALA B 119 13.05 1.53 -13.36
CA ALA B 119 13.58 2.14 -12.15
C ALA B 119 14.50 3.32 -12.45
N PHE B 120 14.48 3.78 -13.71
CA PHE B 120 15.16 5.01 -14.08
C PHE B 120 14.10 6.08 -14.29
N ALA B 121 14.53 7.34 -14.24
CA ALA B 121 13.61 8.45 -14.25
C ALA B 121 13.19 8.86 -15.66
N HIS B 122 11.90 9.14 -15.80
CA HIS B 122 11.34 9.66 -17.02
C HIS B 122 10.71 11.03 -16.72
N GLY B 123 11.51 12.10 -16.84
CA GLY B 123 11.07 13.46 -16.56
C GLY B 123 11.37 13.92 -15.14
N PRO B 124 11.40 15.26 -14.91
CA PRO B 124 11.82 15.87 -13.64
C PRO B 124 10.96 15.43 -12.47
N HIS B 125 9.66 15.30 -12.74
CA HIS B 125 8.72 14.86 -11.71
C HIS B 125 9.03 13.45 -11.24
N ASP B 126 9.79 12.71 -12.04
CA ASP B 126 10.05 11.29 -11.79
C ASP B 126 11.44 11.02 -11.20
N LEU B 127 12.23 12.08 -11.03
CA LEU B 127 13.60 11.97 -10.51
C LEU B 127 13.62 12.20 -9.01
N ARG B 128 14.36 11.36 -8.30
CA ARG B 128 14.59 11.60 -6.87
C ARG B 128 16.08 11.70 -6.54
N SER B 129 16.38 12.36 -5.44
CA SER B 129 17.73 12.43 -4.91
C SER B 129 18.07 11.10 -4.23
N PRO B 130 19.31 10.61 -4.40
CA PRO B 130 19.70 9.41 -3.66
C PRO B 130 19.59 9.61 -2.15
N VAL B 131 19.33 8.52 -1.45
CA VAL B 131 19.48 8.48 0.00
C VAL B 131 20.81 7.77 0.27
N TYR B 132 21.62 8.32 1.17
CA TYR B 132 22.96 7.81 1.42
C TYR B 132 23.10 7.20 2.81
N ASP B 133 23.85 6.10 2.91
CA ASP B 133 24.27 5.53 4.20
C ASP B 133 25.19 6.58 4.82
N ILE B 134 25.13 6.72 6.14
CA ILE B 134 25.99 7.68 6.83
C ILE B 134 27.46 7.37 6.51
N ARG B 135 27.74 6.09 6.29
CA ARG B 135 29.08 5.66 5.94
C ARG B 135 29.53 6.11 4.54
N GLU B 136 28.60 6.21 3.60
CA GLU B 136 28.93 6.80 2.29
C GLU B 136 29.16 8.30 2.42
N LEU B 137 28.32 8.97 3.21
CA LEU B 137 28.49 10.40 3.46
C LEU B 137 29.85 10.70 4.09
N GLN B 138 30.28 9.84 5.01
CA GLN B 138 31.53 10.05 5.73
C GLN B 138 32.72 9.75 4.83
N ALA B 139 32.52 8.90 3.84
CA ALA B 139 33.54 8.65 2.82
C ALA B 139 33.64 9.83 1.88
N MET B 140 32.50 10.42 1.52
CA MET B 140 32.47 11.56 0.61
C MET B 140 33.19 12.81 1.18
N GLU B 141 33.52 12.80 2.47
CA GLU B 141 34.23 13.93 3.09
C GLU B 141 35.73 13.88 2.80
#